data_2H0F
#
_entry.id   2H0F
#
_cell.length_a   73.109
_cell.length_b   73.109
_cell.length_c   144.662
_cell.angle_alpha   90.000
_cell.angle_beta   90.000
_cell.angle_gamma   90.000
#
_symmetry.space_group_name_H-M   'P 42 2 2'
#
loop_
_entity.id
_entity.type
_entity.pdbx_description
1 polymer 'Transthyretin-like protein pucM'
2 non-polymer 8-AZAXANTHINE
3 water water
#
_entity_poly.entity_id   1
_entity_poly.type   'polypeptide(L)'
_entity_poly.pdbx_seq_one_letter_code
;(MSE)SEPESL(MSE)GKLTTHILDLTCGKPAANVKIGLKRLGESI(MSE)KEVYTNNDGRVDVPLLAGEEL(MSE)SGE
YV(MSE)EFHAGDYFASKN(MSE)NAADQPFLTIVTVRFQLADPDAHYHIPLLLSPFGYQVYRGS
;
_entity_poly.pdbx_strand_id   A,B
#
# COMPACT_ATOMS: atom_id res chain seq x y z
N GLY A 9 -3.07 -20.33 -18.28
CA GLY A 9 -3.33 -18.99 -18.76
C GLY A 9 -2.41 -17.99 -18.10
N LYS A 10 -2.49 -16.73 -18.51
CA LYS A 10 -1.61 -15.72 -17.95
C LYS A 10 -2.22 -14.32 -18.00
N LEU A 11 -2.03 -13.57 -16.94
CA LEU A 11 -2.51 -12.19 -16.84
C LEU A 11 -1.32 -11.29 -16.53
N THR A 12 -0.99 -10.39 -17.46
CA THR A 12 0.11 -9.45 -17.27
C THR A 12 -0.44 -8.07 -17.51
N THR A 13 0.37 -7.07 -17.20
CA THR A 13 -0.07 -5.69 -17.37
C THR A 13 1.13 -4.81 -17.69
N HIS A 14 0.91 -3.51 -17.82
CA HIS A 14 1.99 -2.61 -18.16
C HIS A 14 1.53 -1.15 -18.00
N ILE A 15 2.33 -0.33 -17.32
CA ILE A 15 1.96 1.07 -17.12
C ILE A 15 2.89 2.09 -17.80
N LEU A 16 2.33 2.94 -18.64
CA LEU A 16 3.09 3.97 -19.32
C LEU A 16 2.62 5.34 -18.85
N ASP A 17 3.56 6.21 -18.49
CA ASP A 17 3.23 7.56 -18.06
C ASP A 17 3.25 8.41 -19.33
N LEU A 18 2.08 8.79 -19.84
CA LEU A 18 2.02 9.59 -21.07
C LEU A 18 2.45 11.03 -20.89
N THR A 19 2.81 11.39 -19.68
CA THR A 19 3.26 12.73 -19.40
C THR A 19 4.73 12.91 -19.74
N CYS A 20 5.48 11.81 -19.75
CA CYS A 20 6.90 11.84 -20.06
C CYS A 20 7.39 10.66 -20.91
N GLY A 21 6.46 9.92 -21.52
CA GLY A 21 6.83 8.80 -22.37
C GLY A 21 7.63 7.67 -21.73
N LYS A 22 7.73 7.69 -20.41
CA LYS A 22 8.48 6.64 -19.72
C LYS A 22 7.54 5.67 -19.03
N PRO A 23 8.05 4.47 -18.67
CA PRO A 23 7.22 3.48 -17.99
C PRO A 23 7.00 3.99 -16.58
N ALA A 24 5.84 3.73 -15.99
CA ALA A 24 5.57 4.19 -14.62
C ALA A 24 6.19 3.17 -13.68
N ALA A 25 7.24 3.59 -12.97
CA ALA A 25 7.96 2.68 -12.08
C ALA A 25 7.56 2.72 -10.62
N ASN A 26 7.60 1.54 -10.01
CA ASN A 26 7.29 1.41 -8.61
C ASN A 26 5.86 1.80 -8.23
N VAL A 27 4.93 1.62 -9.16
CA VAL A 27 3.53 1.93 -8.88
C VAL A 27 2.91 0.69 -8.23
N LYS A 28 2.17 0.86 -7.15
CA LYS A 28 1.56 -0.30 -6.51
C LYS A 28 0.33 -0.72 -7.30
N ILE A 29 0.17 -2.03 -7.47
CA ILE A 29 -0.99 -2.53 -8.18
C ILE A 29 -1.73 -3.56 -7.32
N GLY A 30 -2.98 -3.27 -7.00
CA GLY A 30 -3.77 -4.21 -6.22
C GLY A 30 -4.50 -5.16 -7.16
N LEU A 31 -4.68 -6.41 -6.74
CA LEU A 31 -5.38 -7.38 -7.55
C LEU A 31 -6.41 -8.02 -6.64
N LYS A 32 -7.62 -8.22 -7.16
CA LYS A 32 -8.68 -8.84 -6.38
C LYS A 32 -9.70 -9.48 -7.32
N ARG A 33 -10.39 -10.50 -6.82
CA ARG A 33 -11.42 -11.18 -7.57
C ARG A 33 -12.65 -10.31 -7.32
N LEU A 34 -13.61 -10.33 -8.24
CA LEU A 34 -14.81 -9.50 -8.07
C LEU A 34 -15.54 -9.77 -6.76
N GLY A 35 -15.80 -8.71 -6.01
CA GLY A 35 -16.51 -8.81 -4.76
C GLY A 35 -15.68 -9.23 -3.55
N GLU A 36 -14.38 -9.43 -3.73
CA GLU A 36 -13.53 -9.83 -2.62
C GLU A 36 -12.52 -8.76 -2.23
N SER A 37 -11.61 -9.15 -1.34
CA SER A 37 -10.57 -8.26 -0.84
C SER A 37 -9.31 -8.48 -1.66
N ILE A 38 -8.36 -7.57 -1.52
CA ILE A 38 -7.10 -7.70 -2.23
C ILE A 38 -6.56 -9.12 -2.02
N LYS A 40 -3.50 -9.84 -3.99
CA LYS A 40 -2.11 -9.59 -4.33
C LYS A 40 -1.83 -8.10 -4.33
N GLU A 41 -0.57 -7.75 -4.10
CA GLU A 41 -0.14 -6.36 -4.12
C GLU A 41 1.27 -6.39 -4.67
N VAL A 42 1.45 -5.72 -5.80
CA VAL A 42 2.73 -5.70 -6.48
C VAL A 42 3.19 -4.27 -6.75
N TYR A 43 4.46 -4.11 -7.08
CA TYR A 43 5.02 -2.81 -7.41
C TYR A 43 5.79 -2.97 -8.72
N THR A 44 5.36 -2.27 -9.76
CA THR A 44 6.02 -2.36 -11.05
C THR A 44 7.52 -2.05 -10.98
N ASN A 45 8.27 -2.70 -11.86
CA ASN A 45 9.71 -2.49 -11.92
C ASN A 45 10.00 -1.24 -12.75
N ASN A 46 11.20 -1.17 -13.33
CA ASN A 46 11.58 -0.01 -14.13
C ASN A 46 10.96 0.00 -15.51
N ASP A 47 10.49 -1.15 -15.96
CA ASP A 47 9.86 -1.21 -17.27
C ASP A 47 8.35 -0.99 -17.12
N GLY A 48 7.91 -0.73 -15.88
CA GLY A 48 6.49 -0.52 -15.65
C GLY A 48 5.71 -1.81 -15.75
N ARG A 49 6.40 -2.92 -15.47
CA ARG A 49 5.81 -4.25 -15.51
C ARG A 49 6.14 -4.98 -14.21
N VAL A 50 5.66 -6.20 -14.06
CA VAL A 50 5.98 -6.97 -12.86
C VAL A 50 6.68 -8.24 -13.33
N ASP A 51 7.75 -8.62 -12.62
CA ASP A 51 8.54 -9.79 -12.97
C ASP A 51 7.71 -11.04 -13.20
N VAL A 52 6.86 -11.37 -12.23
CA VAL A 52 6.01 -12.54 -12.34
C VAL A 52 4.59 -12.16 -12.74
N PRO A 53 3.96 -12.95 -13.61
CA PRO A 53 2.59 -12.64 -14.04
C PRO A 53 1.73 -12.35 -12.83
N LEU A 54 0.73 -11.49 -13.03
CA LEU A 54 -0.17 -11.15 -11.95
C LEU A 54 -1.06 -12.35 -11.67
N LEU A 55 -1.17 -13.23 -12.67
CA LEU A 55 -2.00 -14.41 -12.57
C LEU A 55 -1.51 -15.45 -13.59
N ALA A 56 -1.56 -16.73 -13.22
CA ALA A 56 -1.12 -17.81 -14.11
C ALA A 56 -1.57 -19.19 -13.60
N GLY A 57 -1.53 -20.18 -14.48
CA GLY A 57 -1.93 -21.54 -14.14
C GLY A 57 -3.13 -21.60 -13.21
N GLU A 58 -3.08 -22.51 -12.25
CA GLU A 58 -4.18 -22.70 -11.29
C GLU A 58 -4.86 -21.40 -10.92
N GLU A 59 -4.07 -20.45 -10.42
CA GLU A 59 -4.57 -19.15 -10.01
C GLU A 59 -5.61 -18.57 -10.94
N LEU A 60 -5.26 -18.49 -12.21
CA LEU A 60 -6.16 -17.92 -13.19
C LEU A 60 -7.42 -18.75 -13.39
N SER A 62 -11.57 -18.62 -14.48
CA SER A 62 -12.45 -17.78 -15.28
C SER A 62 -13.33 -16.92 -14.37
N GLY A 63 -13.46 -15.65 -14.69
CA GLY A 63 -14.29 -14.76 -13.88
C GLY A 63 -13.90 -13.29 -13.96
N GLU A 64 -14.45 -12.51 -13.04
CA GLU A 64 -14.16 -11.09 -13.00
C GLU A 64 -13.14 -10.68 -11.95
N TYR A 65 -12.19 -9.86 -12.36
CA TYR A 65 -11.17 -9.38 -11.47
C TYR A 65 -11.12 -7.85 -11.50
N VAL A 66 -10.33 -7.30 -10.59
CA VAL A 66 -10.18 -5.86 -10.52
C VAL A 66 -8.74 -5.53 -10.16
N GLU A 68 -6.21 -2.44 -8.96
CA GLU A 68 -6.17 -1.11 -8.38
C GLU A 68 -4.81 -0.49 -8.59
N PHE A 69 -4.72 0.29 -9.65
CA PHE A 69 -3.49 0.99 -9.99
C PHE A 69 -3.49 2.21 -9.09
N HIS A 70 -2.40 2.40 -8.38
CA HIS A 70 -2.28 3.53 -7.48
C HIS A 70 -1.63 4.72 -8.15
N ALA A 71 -2.38 5.32 -9.08
CA ALA A 71 -1.91 6.47 -9.83
C ALA A 71 -1.60 7.69 -8.95
N GLY A 72 -2.53 8.01 -8.04
CA GLY A 72 -2.33 9.16 -7.17
C GLY A 72 -0.96 9.24 -6.53
N ASP A 73 -0.54 8.16 -5.86
CA ASP A 73 0.76 8.12 -5.21
C ASP A 73 1.89 8.28 -6.21
N TYR A 74 1.79 7.60 -7.34
CA TYR A 74 2.82 7.69 -8.37
C TYR A 74 3.02 9.12 -8.85
N PHE A 75 1.96 9.80 -9.23
CA PHE A 75 2.14 11.16 -9.72
C PHE A 75 2.61 12.05 -8.58
N ALA A 76 2.11 11.78 -7.38
CA ALA A 76 2.49 12.54 -6.19
C ALA A 76 4.01 12.57 -6.04
N SER A 77 4.62 11.39 -6.15
CA SER A 77 6.06 11.27 -6.02
C SER A 77 6.80 12.01 -7.12
N LYS A 78 6.20 12.07 -8.31
CA LYS A 78 6.79 12.75 -9.44
C LYS A 78 6.52 14.25 -9.40
N ASN A 79 5.87 14.72 -8.34
CA ASN A 79 5.57 16.14 -8.22
C ASN A 79 5.86 16.71 -6.84
N ALA A 82 -0.89 14.29 -7.80
CA ALA A 82 -0.82 15.62 -8.43
C ALA A 82 -0.94 16.78 -7.43
N ALA A 83 -1.90 16.69 -6.49
CA ALA A 83 -2.12 17.72 -5.47
C ALA A 83 -2.50 17.05 -4.13
N ASP A 84 -3.20 17.78 -3.26
CA ASP A 84 -3.64 17.25 -1.96
C ASP A 84 -4.83 16.30 -2.11
N GLN A 85 -5.73 16.64 -3.03
CA GLN A 85 -6.91 15.81 -3.34
C GLN A 85 -6.89 15.61 -4.85
N PRO A 86 -5.99 14.73 -5.33
CA PRO A 86 -5.82 14.41 -6.76
C PRO A 86 -7.09 13.88 -7.43
N PHE A 87 -7.25 14.21 -8.70
CA PHE A 87 -8.39 13.74 -9.45
C PHE A 87 -8.35 12.22 -9.44
N LEU A 88 -7.23 11.67 -9.88
CA LEU A 88 -7.08 10.22 -9.89
C LEU A 88 -6.33 9.80 -8.66
N THR A 89 -6.90 8.88 -7.91
CA THR A 89 -6.27 8.36 -6.71
C THR A 89 -5.90 6.92 -7.02
N ILE A 90 -6.91 6.07 -7.12
CA ILE A 90 -6.70 4.67 -7.47
C ILE A 90 -7.47 4.37 -8.74
N VAL A 91 -6.77 4.25 -9.85
CA VAL A 91 -7.43 3.93 -11.09
C VAL A 91 -7.85 2.47 -10.99
N THR A 92 -9.16 2.26 -10.98
CA THR A 92 -9.71 0.94 -10.84
C THR A 92 -10.11 0.29 -12.19
N VAL A 93 -9.74 -0.96 -12.40
CA VAL A 93 -10.05 -1.61 -13.66
C VAL A 93 -10.69 -3.00 -13.55
N ARG A 94 -11.99 -3.09 -13.84
CA ARG A 94 -12.70 -4.36 -13.79
C ARG A 94 -12.67 -4.98 -15.18
N PHE A 95 -12.67 -6.31 -15.25
CA PHE A 95 -12.64 -7.01 -16.54
C PHE A 95 -12.95 -8.48 -16.27
N GLN A 96 -13.37 -9.21 -17.30
CA GLN A 96 -13.71 -10.62 -17.12
C GLN A 96 -12.80 -11.52 -17.93
N LEU A 97 -12.22 -12.52 -17.28
CA LEU A 97 -11.34 -13.44 -17.97
C LEU A 97 -12.14 -14.69 -18.31
N ALA A 98 -12.50 -14.83 -19.58
CA ALA A 98 -13.30 -15.96 -20.04
C ALA A 98 -12.53 -17.28 -20.05
N ASP A 99 -11.56 -17.42 -20.95
CA ASP A 99 -10.77 -18.62 -21.06
C ASP A 99 -9.63 -18.63 -20.04
N PRO A 100 -9.52 -19.70 -19.25
CA PRO A 100 -8.46 -19.81 -18.23
C PRO A 100 -7.07 -20.16 -18.78
N ASP A 101 -7.00 -20.63 -20.02
CA ASP A 101 -5.72 -21.01 -20.64
C ASP A 101 -5.18 -19.96 -21.61
N ALA A 102 -5.82 -18.80 -21.68
CA ALA A 102 -5.37 -17.78 -22.60
C ALA A 102 -4.48 -16.74 -21.93
N HIS A 103 -3.79 -15.94 -22.75
CA HIS A 103 -2.93 -14.87 -22.26
C HIS A 103 -3.72 -13.55 -22.31
N TYR A 104 -3.72 -12.83 -21.20
CA TYR A 104 -4.42 -11.55 -21.12
C TYR A 104 -3.45 -10.47 -20.71
N HIS A 105 -3.13 -9.59 -21.64
N HIS A 105 -3.13 -9.57 -21.62
CA HIS A 105 -2.21 -8.47 -21.37
CA HIS A 105 -2.19 -8.51 -21.30
C HIS A 105 -3.04 -7.19 -21.38
C HIS A 105 -2.97 -7.18 -21.38
N ILE A 106 -3.25 -6.61 -20.21
CA ILE A 106 -4.02 -5.38 -20.07
C ILE A 106 -3.19 -4.21 -19.60
N PRO A 107 -2.59 -3.46 -20.53
CA PRO A 107 -1.76 -2.30 -20.15
C PRO A 107 -2.59 -1.08 -19.72
N LEU A 108 -1.88 -0.09 -19.19
CA LEU A 108 -2.54 1.12 -18.75
C LEU A 108 -1.76 2.35 -19.21
N LEU A 109 -2.38 3.16 -20.06
CA LEU A 109 -1.74 4.39 -20.52
C LEU A 109 -2.28 5.39 -19.51
N LEU A 110 -1.40 6.04 -18.76
CA LEU A 110 -1.84 6.94 -17.69
C LEU A 110 -1.40 8.40 -17.71
N SER A 111 -2.34 9.27 -17.36
CA SER A 111 -2.09 10.71 -17.26
C SER A 111 -2.84 11.26 -16.07
N PRO A 112 -2.36 12.39 -15.53
CA PRO A 112 -3.01 12.99 -14.36
C PRO A 112 -4.52 13.09 -14.51
N PHE A 113 -4.99 13.38 -15.72
CA PHE A 113 -6.43 13.53 -15.94
C PHE A 113 -7.12 12.64 -16.95
N GLY A 114 -6.58 11.47 -17.17
CA GLY A 114 -7.21 10.59 -18.13
C GLY A 114 -6.36 9.36 -18.35
N TYR A 115 -6.96 8.30 -18.88
CA TYR A 115 -6.22 7.08 -19.12
C TYR A 115 -6.90 6.11 -20.06
N GLN A 116 -6.08 5.26 -20.66
CA GLN A 116 -6.54 4.25 -21.59
C GLN A 116 -6.34 2.87 -20.97
N VAL A 117 -7.35 2.03 -21.09
CA VAL A 117 -7.28 0.66 -20.60
C VAL A 117 -7.54 -0.20 -21.83
N TYR A 118 -6.62 -1.11 -22.14
CA TYR A 118 -6.84 -1.95 -23.32
C TYR A 118 -6.29 -3.35 -23.20
N ARG A 119 -6.78 -4.22 -24.07
CA ARG A 119 -6.32 -5.60 -24.14
C ARG A 119 -5.30 -5.55 -25.25
N GLY A 120 -4.05 -5.43 -24.87
CA GLY A 120 -2.98 -5.37 -25.84
C GLY A 120 -2.46 -6.75 -26.18
N SER A 121 -1.27 -6.80 -26.76
CA SER A 121 -0.71 -8.08 -27.15
C SER A 121 0.44 -8.52 -26.25
N GLY B 9 -4.93 10.24 29.27
CA GLY B 9 -4.11 9.35 28.48
C GLY B 9 -3.87 9.76 27.05
N LYS B 10 -2.84 9.17 26.45
CA LYS B 10 -2.48 9.44 25.06
C LYS B 10 -1.79 8.22 24.47
N LEU B 11 -1.93 8.02 23.17
CA LEU B 11 -1.32 6.88 22.48
C LEU B 11 -0.28 7.38 21.48
N THR B 12 0.97 6.99 21.68
CA THR B 12 2.03 7.40 20.76
C THR B 12 2.83 6.21 20.25
N THR B 13 3.36 6.35 19.04
CA THR B 13 4.14 5.29 18.42
C THR B 13 5.51 5.81 17.95
N HIS B 14 6.33 4.92 17.39
CA HIS B 14 7.65 5.30 16.91
C HIS B 14 8.24 4.21 16.01
N ILE B 15 8.42 4.52 14.73
CA ILE B 15 8.97 3.54 13.80
C ILE B 15 10.47 3.69 13.60
N LEU B 16 11.14 2.55 13.58
CA LEU B 16 12.57 2.53 13.38
C LEU B 16 12.88 1.55 12.26
N ASP B 17 13.53 2.04 11.22
CA ASP B 17 13.89 1.21 10.08
C ASP B 17 15.08 0.30 10.45
N LEU B 18 14.89 -1.00 10.41
CA LEU B 18 15.97 -1.92 10.76
C LEU B 18 16.97 -2.09 9.63
N THR B 19 16.55 -1.78 8.40
CA THR B 19 17.43 -1.92 7.25
C THR B 19 18.59 -0.94 7.29
N CYS B 20 18.40 0.20 7.94
CA CYS B 20 19.45 1.20 8.00
C CYS B 20 19.72 1.78 9.37
N GLY B 21 18.91 1.43 10.36
CA GLY B 21 19.13 1.95 11.71
C GLY B 21 18.68 3.38 11.97
N LYS B 22 17.83 3.92 11.11
CA LYS B 22 17.33 5.28 11.27
C LYS B 22 15.81 5.28 11.48
N PRO B 23 15.25 6.40 11.96
CA PRO B 23 13.81 6.47 12.17
C PRO B 23 13.11 6.30 10.82
N ALA B 24 11.90 5.76 10.81
CA ALA B 24 11.20 5.58 9.54
C ALA B 24 10.60 6.91 9.08
N ALA B 25 11.13 7.44 7.97
CA ALA B 25 10.70 8.70 7.38
C ALA B 25 9.28 8.59 6.87
N ASN B 26 8.42 9.47 7.34
CA ASN B 26 7.00 9.50 7.01
C ASN B 26 6.40 8.25 6.35
N VAL B 27 6.00 7.33 7.22
CA VAL B 27 5.36 6.08 6.85
C VAL B 27 3.89 6.35 7.14
N LYS B 28 2.99 5.85 6.29
CA LYS B 28 1.57 6.08 6.50
C LYS B 28 1.04 5.12 7.54
N ILE B 29 0.47 5.68 8.60
CA ILE B 29 -0.09 4.91 9.69
C ILE B 29 -1.60 5.14 9.76
N GLY B 30 -2.37 4.07 9.53
CA GLY B 30 -3.81 4.17 9.61
C GLY B 30 -4.32 3.53 10.89
N LEU B 31 -5.12 4.25 11.66
CA LEU B 31 -5.65 3.74 12.92
C LEU B 31 -7.18 3.63 12.94
N LYS B 32 -7.69 2.69 13.74
CA LYS B 32 -9.14 2.50 13.90
C LYS B 32 -9.52 1.48 14.96
N ARG B 33 -10.74 1.61 15.47
CA ARG B 33 -11.26 0.68 16.48
C ARG B 33 -11.52 -0.64 15.76
N LEU B 34 -11.54 -1.73 16.50
CA LEU B 34 -11.78 -3.01 15.87
C LEU B 34 -13.12 -3.03 15.12
N GLY B 35 -13.07 -3.43 13.86
CA GLY B 35 -14.28 -3.51 13.07
C GLY B 35 -14.60 -2.21 12.35
N GLU B 36 -14.67 -1.12 13.11
CA GLU B 36 -14.96 0.18 12.53
C GLU B 36 -13.95 0.52 11.44
N SER B 37 -14.20 1.60 10.72
CA SER B 37 -13.30 2.00 9.64
C SER B 37 -12.27 3.01 10.10
N ILE B 38 -11.23 3.19 9.29
CA ILE B 38 -10.14 4.10 9.59
C ILE B 38 -10.67 5.47 10.00
N LYS B 40 -8.26 7.77 11.14
CA LYS B 40 -7.06 8.59 11.08
C LYS B 40 -6.01 8.01 10.15
N GLU B 41 -5.36 8.89 9.40
CA GLU B 41 -4.30 8.49 8.50
C GLU B 41 -3.17 9.49 8.69
N VAL B 42 -2.28 9.19 9.63
CA VAL B 42 -1.17 10.06 9.94
C VAL B 42 0.12 9.52 9.33
N TYR B 43 1.10 10.40 9.12
CA TYR B 43 2.38 10.02 8.57
C TYR B 43 3.44 10.30 9.62
N THR B 44 4.55 9.53 9.61
CA THR B 44 5.60 9.76 10.60
C THR B 44 6.55 10.88 10.20
N ASN B 45 7.12 11.55 11.19
CA ASN B 45 8.06 12.62 10.90
C ASN B 45 9.43 11.99 10.73
N ASN B 46 10.40 12.81 10.32
CA ASN B 46 11.76 12.33 10.12
C ASN B 46 12.36 11.70 11.38
N ASP B 47 11.72 11.93 12.51
CA ASP B 47 12.22 11.37 13.76
C ASP B 47 11.55 10.02 14.02
N GLY B 48 10.79 9.55 13.03
CA GLY B 48 10.11 8.27 13.14
C GLY B 48 8.87 8.26 14.00
N ARG B 49 8.34 9.45 14.30
CA ARG B 49 7.14 9.55 15.12
C ARG B 49 6.02 10.33 14.42
N VAL B 50 5.02 10.70 15.21
CA VAL B 50 3.90 11.47 14.72
C VAL B 50 3.86 12.73 15.57
N ASP B 51 3.65 13.87 14.91
CA ASP B 51 3.62 15.16 15.59
C ASP B 51 2.63 15.18 16.74
N VAL B 52 1.35 15.00 16.43
CA VAL B 52 0.30 14.99 17.44
C VAL B 52 -0.04 13.55 17.79
N PRO B 53 -0.30 13.25 19.07
CA PRO B 53 -0.62 11.89 19.50
C PRO B 53 -1.70 11.24 18.64
N LEU B 54 -1.59 9.93 18.41
CA LEU B 54 -2.57 9.23 17.60
C LEU B 54 -3.94 9.35 18.28
N LEU B 55 -3.93 9.31 19.61
CA LEU B 55 -5.13 9.43 20.43
C LEU B 55 -4.70 10.04 21.75
N ALA B 56 -5.56 10.87 22.34
CA ALA B 56 -5.26 11.50 23.62
C ALA B 56 -6.51 12.10 24.26
N GLY B 57 -6.53 12.09 25.59
CA GLY B 57 -7.67 12.64 26.31
C GLY B 57 -8.96 11.87 26.08
N GLU B 58 -10.06 12.61 25.85
CA GLU B 58 -11.35 11.98 25.62
C GLU B 58 -11.48 11.37 24.23
N GLU B 59 -10.36 11.22 23.56
CA GLU B 59 -10.34 10.62 22.23
C GLU B 59 -9.90 9.17 22.42
N LEU B 60 -9.15 8.94 23.49
CA LEU B 60 -8.66 7.61 23.80
C LEU B 60 -9.71 6.90 24.64
N SER B 62 -11.33 3.46 26.13
CA SER B 62 -10.93 2.10 26.50
C SER B 62 -11.49 1.14 25.46
N GLY B 63 -10.66 0.21 25.00
CA GLY B 63 -11.12 -0.74 24.01
C GLY B 63 -10.04 -1.28 23.09
N GLU B 64 -10.48 -1.97 22.05
CA GLU B 64 -9.56 -2.56 21.09
C GLU B 64 -9.45 -1.73 19.81
N TYR B 65 -8.22 -1.58 19.35
CA TYR B 65 -7.94 -0.80 18.16
C TYR B 65 -7.08 -1.61 17.24
N VAL B 66 -6.90 -1.08 16.04
CA VAL B 66 -6.07 -1.68 15.03
C VAL B 66 -5.40 -0.56 14.25
N GLU B 68 -2.73 0.31 11.15
CA GLU B 68 -2.09 -0.30 9.99
C GLU B 68 -0.92 0.51 9.49
N PHE B 69 0.25 -0.14 9.44
CA PHE B 69 1.47 0.49 8.98
C PHE B 69 1.64 0.11 7.52
N HIS B 70 1.79 1.10 6.65
CA HIS B 70 1.96 0.82 5.23
C HIS B 70 3.43 0.62 4.86
N ALA B 71 4.03 -0.43 5.42
CA ALA B 71 5.43 -0.74 5.18
C ALA B 71 5.70 -0.91 3.68
N GLY B 72 4.83 -1.63 2.99
CA GLY B 72 4.98 -1.84 1.57
C GLY B 72 5.27 -0.57 0.80
N ASP B 73 4.61 0.52 1.15
CA ASP B 73 4.86 1.78 0.45
C ASP B 73 6.20 2.36 0.87
N TYR B 74 6.47 2.32 2.18
CA TYR B 74 7.71 2.84 2.73
C TYR B 74 8.94 2.17 2.12
N PHE B 75 8.99 0.84 2.15
CA PHE B 75 10.14 0.14 1.60
C PHE B 75 10.23 0.12 0.09
N ALA B 76 9.18 0.58 -0.59
CA ALA B 76 9.22 0.62 -2.05
C ALA B 76 9.86 1.95 -2.43
N SER B 77 9.52 2.97 -1.64
CA SER B 77 10.04 4.31 -1.85
C SER B 77 11.53 4.36 -1.57
N LYS B 78 12.09 3.23 -1.16
CA LYS B 78 13.51 3.15 -0.84
C LYS B 78 14.15 2.02 -1.65
N ASN B 79 13.37 1.39 -2.51
CA ASN B 79 13.86 0.26 -3.30
C ASN B 79 14.40 -0.77 -2.31
N ASN B 81 11.86 -3.40 -0.87
CA ASN B 81 11.01 -4.59 -0.93
C ASN B 81 11.78 -5.84 -1.39
N ALA B 82 12.77 -5.63 -2.24
CA ALA B 82 13.57 -6.74 -2.75
C ALA B 82 12.65 -7.80 -3.35
N ALA B 83 11.52 -7.33 -3.89
CA ALA B 83 10.52 -8.20 -4.51
C ALA B 83 9.35 -7.35 -5.00
N ASP B 84 8.89 -7.62 -6.22
CA ASP B 84 7.78 -6.87 -6.78
C ASP B 84 6.55 -7.12 -5.92
N GLN B 85 6.50 -8.33 -5.37
CA GLN B 85 5.41 -8.75 -4.52
C GLN B 85 5.95 -8.94 -3.10
N PRO B 86 6.05 -7.84 -2.33
CA PRO B 86 6.55 -7.79 -0.94
C PRO B 86 5.88 -8.75 0.03
N PHE B 87 6.70 -9.36 0.90
CA PHE B 87 6.21 -10.28 1.94
C PHE B 87 5.33 -9.46 2.89
N LEU B 88 5.69 -8.20 3.05
CA LEU B 88 4.94 -7.29 3.92
C LEU B 88 4.46 -6.06 3.16
N THR B 89 3.17 -5.78 3.30
CA THR B 89 2.55 -4.61 2.67
C THR B 89 1.98 -3.81 3.82
N ILE B 90 0.76 -4.13 4.24
CA ILE B 90 0.17 -3.42 5.39
C ILE B 90 0.49 -4.22 6.64
N VAL B 91 1.21 -3.61 7.57
CA VAL B 91 1.53 -4.29 8.81
C VAL B 91 0.49 -3.88 9.81
N THR B 92 -0.45 -4.79 10.09
CA THR B 92 -1.54 -4.55 11.03
C THR B 92 -1.23 -5.02 12.44
N VAL B 93 -1.47 -4.14 13.41
CA VAL B 93 -1.24 -4.48 14.81
C VAL B 93 -2.49 -4.20 15.66
N ARG B 94 -3.06 -5.27 16.18
CA ARG B 94 -4.25 -5.17 17.02
C ARG B 94 -3.88 -5.19 18.50
N PHE B 95 -4.49 -4.32 19.29
CA PHE B 95 -4.21 -4.26 20.72
C PHE B 95 -5.40 -3.67 21.46
N GLN B 96 -5.46 -3.90 22.77
CA GLN B 96 -6.54 -3.37 23.57
C GLN B 96 -6.01 -2.36 24.60
N LEU B 97 -6.66 -1.21 24.67
CA LEU B 97 -6.25 -0.17 25.62
C LEU B 97 -7.21 -0.22 26.81
N ALA B 98 -6.72 -0.69 27.95
CA ALA B 98 -7.55 -0.82 29.16
C ALA B 98 -7.78 0.50 29.88
N ASP B 99 -6.76 1.01 30.58
CA ASP B 99 -6.88 2.29 31.28
C ASP B 99 -7.00 3.35 30.19
N PRO B 100 -8.08 4.16 30.22
CA PRO B 100 -8.30 5.21 29.22
C PRO B 100 -7.48 6.46 29.50
N ASP B 101 -6.97 6.56 30.72
CA ASP B 101 -6.19 7.72 31.14
C ASP B 101 -4.69 7.43 31.16
N ALA B 102 -4.32 6.23 30.74
CA ALA B 102 -2.91 5.85 30.72
C ALA B 102 -2.19 6.36 29.47
N HIS B 103 -0.87 6.20 29.47
CA HIS B 103 -0.03 6.61 28.34
C HIS B 103 0.49 5.35 27.69
N TYR B 104 0.19 5.16 26.41
CA TYR B 104 0.66 3.97 25.72
C TYR B 104 1.59 4.33 24.56
N HIS B 105 2.88 4.01 24.71
CA HIS B 105 3.82 4.26 23.64
C HIS B 105 4.12 2.90 23.03
N ILE B 106 3.80 2.75 21.76
CA ILE B 106 4.03 1.48 21.06
C ILE B 106 5.06 1.56 19.95
N PRO B 107 6.30 1.15 20.26
CA PRO B 107 7.46 1.14 19.37
C PRO B 107 7.36 0.07 18.28
N LEU B 108 7.86 0.37 17.09
CA LEU B 108 7.80 -0.59 15.99
C LEU B 108 9.17 -0.74 15.33
N LEU B 109 9.71 -1.94 15.34
CA LEU B 109 10.98 -2.21 14.70
C LEU B 109 10.52 -2.84 13.41
N LEU B 110 10.55 -2.07 12.33
CA LEU B 110 10.08 -2.53 11.04
C LEU B 110 11.16 -2.94 10.05
N SER B 111 10.90 -4.02 9.34
CA SER B 111 11.78 -4.55 8.31
C SER B 111 10.93 -5.26 7.27
N PRO B 112 11.38 -5.28 6.00
CA PRO B 112 10.61 -5.95 4.95
C PRO B 112 10.33 -7.43 5.22
N PHE B 113 11.06 -8.02 6.17
CA PHE B 113 10.91 -9.44 6.44
C PHE B 113 10.36 -9.81 7.80
N GLY B 114 10.00 -8.79 8.57
CA GLY B 114 9.46 -9.06 9.89
C GLY B 114 9.43 -7.77 10.65
N TYR B 115 8.88 -7.81 11.86
CA TYR B 115 8.83 -6.59 12.66
C TYR B 115 8.71 -6.91 14.13
N GLN B 116 8.78 -5.84 14.93
CA GLN B 116 8.70 -5.98 16.38
C GLN B 116 7.87 -4.85 16.95
N VAL B 117 6.77 -5.20 17.62
CA VAL B 117 5.91 -4.20 18.26
C VAL B 117 5.69 -4.64 19.69
N TYR B 118 5.49 -3.67 20.57
CA TYR B 118 5.26 -3.97 21.97
C TYR B 118 4.93 -2.69 22.70
N ARG B 119 4.40 -2.83 23.91
CA ARG B 119 4.08 -1.65 24.69
C ARG B 119 5.33 -1.31 25.47
N GLY B 120 5.84 -0.10 25.28
CA GLY B 120 7.03 0.32 26.00
C GLY B 120 6.65 0.78 27.40
N SER B 121 7.61 0.72 28.32
CA SER B 121 7.37 1.14 29.69
C SER B 121 7.97 2.54 29.88
#